data_6S9X
#
_entry.id   6S9X
#
_cell.length_a   70.460
_cell.length_b   71.330
_cell.length_c   91.560
_cell.angle_alpha   90.000
_cell.angle_beta   90.000
_cell.angle_gamma   90.000
#
_symmetry.space_group_name_H-M   'P 21 21 21'
#
loop_
_entity.id
_entity.type
_entity.pdbx_description
1 polymer 'RAC-alpha serine/threonine-protein kinase'
2 non-polymer ~{N}-[3-[1-[[4-[5-[(4-hydroxyphenyl)methyl]-6-oxidanylidene-2-phenyl-1~{H}-pyrazin-3-yl]phenyl]methyl]piperidin-4-yl]-2-oxidanylidene-1~{H}-benzimidazol-5-yl]propanamide
3 water water
#
_entity_poly.entity_id   1
_entity_poly.type   'polypeptide(L)'
_entity_poly.pdbx_seq_one_letter_code
;GSDVAIVKEGWLHKRGEYIKTWRPRYFLLKNDGTFIGYKERPQDVDQREAPLNNFSVAQCQLMKTERPRPNTFIIRCLQW
TTVIERTFHVETPEEREEWTTAIQTVADGLKKQAAAEMDFRSGSPSDNSGAEEMEVSLAKPKHRVTMNEFEYLKLLGKGT
FGKVILVKEKATGRYYAMKILKKEVIVAKDEVAHTLTENRVLQNSRHPFLTALKYSFQTHDRLCFVMEYANGGELFFHLS
RERVFSEDRARFYGAEIVSALDYLHSEKNVVYRDLKLENLMLDKDGHIKITDFGLCKEGIKDGATMKTFCGTPEYLAPEV
LEDNDYGRAVDWWGLGVVMYEMMCGRLPFYNQDHEKLFELILMEEIRFPRTLGPEAKSLLSGLLKKDPKQRLGGGSEDAK
EIMQHRFFAGIVWQHVYEKKLSPPFKPQVTSETDTRYFDEEFTAQM
;
_entity_poly.pdbx_strand_id   A
#
loop_
_chem_comp.id
_chem_comp.type
_chem_comp.name
_chem_comp.formula
L1W non-polymer ~{N}-[3-[1-[[4-[5-[(4-hydroxyphenyl)methyl]-6-oxidanylidene-2-phenyl-1~{H}-pyrazin-3-yl]phenyl]methyl]piperidin-4-yl]-2-oxidanylidene-1~{H}-benzimidazol-5-yl]propanamide 'C39 H38 N6 O4'
#
# COMPACT_ATOMS: atom_id res chain seq x y z
N ASP A 3 -5.92 27.82 -11.71
CA ASP A 3 -6.49 27.94 -10.38
C ASP A 3 -5.72 27.06 -9.39
N VAL A 4 -4.83 26.23 -9.92
CA VAL A 4 -3.98 25.36 -9.12
C VAL A 4 -2.56 25.94 -9.18
N ALA A 5 -2.05 26.35 -8.02
CA ALA A 5 -0.76 27.03 -7.96
C ALA A 5 -0.07 26.74 -6.64
N ILE A 6 1.25 26.96 -6.64
CA ILE A 6 2.04 26.79 -5.43
C ILE A 6 1.72 27.91 -4.45
N VAL A 7 1.55 27.55 -3.18
CA VAL A 7 1.42 28.54 -2.12
C VAL A 7 2.77 28.83 -1.48
N LYS A 8 3.45 27.78 -1.00
CA LYS A 8 4.76 27.93 -0.40
C LYS A 8 5.68 26.83 -0.93
N GLU A 9 6.94 27.19 -1.16
CA GLU A 9 7.93 26.21 -1.61
C GLU A 9 9.28 26.55 -1.00
N GLY A 10 10.13 25.54 -0.91
CA GLY A 10 11.44 25.70 -0.31
C GLY A 10 11.95 24.37 0.20
N TRP A 11 13.09 24.43 0.87
CA TRP A 11 13.76 23.23 1.36
C TRP A 11 13.29 22.88 2.76
N LEU A 12 12.98 21.59 2.95
CA LEU A 12 12.69 21.03 4.26
C LEU A 12 13.61 19.84 4.50
N HIS A 13 13.73 19.46 5.77
CA HIS A 13 14.40 18.23 6.16
C HIS A 13 13.32 17.21 6.52
N LYS A 14 13.17 16.19 5.66
CA LYS A 14 12.13 15.19 5.82
C LYS A 14 12.74 13.93 6.42
N ARG A 15 12.06 13.37 7.42
CA ARG A 15 12.43 12.07 7.96
C ARG A 15 11.91 10.99 7.02
N GLY A 16 12.80 10.08 6.62
CA GLY A 16 12.38 9.03 5.69
C GLY A 16 11.31 8.14 6.31
N GLU A 17 10.31 7.81 5.50
CA GLU A 17 9.14 7.08 6.00
C GLU A 17 9.48 5.63 6.34
N TYR A 18 10.31 4.99 5.52
CA TYR A 18 10.77 3.63 5.80
C TYR A 18 12.20 3.58 6.33
N ILE A 19 13.07 4.49 5.91
CA ILE A 19 14.41 4.63 6.46
C ILE A 19 14.41 5.89 7.29
N LYS A 20 14.45 5.74 8.62
CA LYS A 20 14.28 6.86 9.54
C LYS A 20 15.55 7.71 9.62
N THR A 21 15.91 8.32 8.49
CA THR A 21 17.03 9.24 8.41
C THR A 21 16.56 10.54 7.77
N TRP A 22 17.16 11.65 8.22
CA TRP A 22 16.80 12.96 7.71
C TRP A 22 17.46 13.23 6.37
N ARG A 23 16.70 13.80 5.45
CA ARG A 23 17.14 14.09 4.10
C ARG A 23 16.62 15.47 3.69
N PRO A 24 17.38 16.20 2.87
CA PRO A 24 16.87 17.48 2.36
C PRO A 24 16.02 17.30 1.11
N ARG A 25 14.81 17.85 1.13
CA ARG A 25 13.88 17.73 0.01
C ARG A 25 13.22 19.07 -0.27
N TYR A 26 12.98 19.34 -1.54
CA TYR A 26 12.32 20.56 -1.98
C TYR A 26 10.82 20.31 -2.06
N PHE A 27 10.04 21.03 -1.24
CA PHE A 27 8.63 20.76 -1.08
C PHE A 27 7.78 21.88 -1.67
N LEU A 28 6.60 21.50 -2.18
CA LEU A 28 5.66 22.41 -2.81
C LEU A 28 4.30 22.27 -2.13
N LEU A 29 3.72 23.38 -1.73
CA LEU A 29 2.38 23.41 -1.16
C LEU A 29 1.45 24.11 -2.15
N LYS A 30 0.45 23.39 -2.64
CA LYS A 30 -0.37 23.86 -3.73
C LYS A 30 -1.79 24.19 -3.27
N ASN A 31 -2.54 24.83 -4.17
CA ASN A 31 -3.92 25.18 -3.88
C ASN A 31 -4.76 23.92 -3.65
N ASP A 32 -4.57 22.90 -4.50
CA ASP A 32 -5.32 21.66 -4.36
C ASP A 32 -5.00 20.91 -3.08
N GLY A 33 -4.05 21.39 -2.28
CA GLY A 33 -3.71 20.75 -1.02
C GLY A 33 -2.61 19.73 -1.09
N THR A 34 -1.97 19.55 -2.24
CA THR A 34 -0.91 18.55 -2.40
C THR A 34 0.40 19.10 -1.86
N PHE A 35 1.08 18.30 -1.03
CA PHE A 35 2.33 18.65 -0.39
C PHE A 35 3.36 17.61 -0.81
N ILE A 36 4.14 17.93 -1.85
CA ILE A 36 5.05 16.99 -2.49
C ILE A 36 6.48 17.49 -2.33
N GLY A 37 7.39 16.58 -1.99
CA GLY A 37 8.80 16.89 -1.87
C GLY A 37 9.60 16.23 -2.98
N TYR A 38 10.60 16.96 -3.48
CA TYR A 38 11.45 16.49 -4.56
C TYR A 38 12.91 16.49 -4.13
N LYS A 39 13.69 15.58 -4.71
CA LYS A 39 15.10 15.49 -4.41
C LYS A 39 15.85 16.72 -4.91
N GLU A 40 15.51 17.19 -6.11
CA GLU A 40 16.01 18.44 -6.65
C GLU A 40 14.83 19.35 -6.98
N ARG A 41 15.12 20.61 -7.24
CA ARG A 41 14.06 21.56 -7.54
C ARG A 41 13.31 21.12 -8.80
N PRO A 42 11.97 21.17 -8.79
CA PRO A 42 11.21 20.58 -9.90
C PRO A 42 11.14 21.51 -11.09
N GLN A 43 11.42 20.96 -12.27
CA GLN A 43 11.34 21.71 -13.51
C GLN A 43 9.89 21.98 -13.90
N ASP A 44 8.98 21.10 -13.51
CA ASP A 44 7.57 21.18 -13.90
C ASP A 44 7.44 21.24 -15.42
N GLU A 49 0.46 12.72 -13.39
CA GLU A 49 0.70 13.95 -12.64
C GLU A 49 -0.57 14.44 -11.96
N ALA A 50 -1.69 13.78 -12.26
CA ALA A 50 -2.95 14.10 -11.62
C ALA A 50 -2.79 13.98 -10.10
N PRO A 51 -3.52 14.79 -9.33
CA PRO A 51 -3.28 14.83 -7.88
C PRO A 51 -3.57 13.49 -7.23
N LEU A 52 -2.63 13.06 -6.38
CA LEU A 52 -2.77 11.84 -5.60
C LEU A 52 -3.14 12.20 -4.16
N ASN A 53 -4.08 11.45 -3.58
CA ASN A 53 -4.55 11.75 -2.23
C ASN A 53 -3.49 11.48 -1.17
N ASN A 54 -2.46 10.68 -1.49
CA ASN A 54 -1.42 10.37 -0.52
C ASN A 54 -0.75 11.64 -0.01
N PHE A 55 -0.61 12.66 -0.85
CA PHE A 55 0.15 13.86 -0.53
C PHE A 55 -0.70 15.00 0.00
N SER A 56 -2.03 14.92 -0.11
CA SER A 56 -2.88 16.03 0.28
C SER A 56 -2.83 16.25 1.79
N VAL A 57 -2.88 17.52 2.19
CA VAL A 57 -2.91 17.90 3.60
C VAL A 57 -4.32 18.16 4.09
N ALA A 58 -5.33 17.89 3.26
CA ALA A 58 -6.71 18.11 3.65
C ALA A 58 -7.12 17.13 4.74
N GLN A 59 -7.77 17.65 5.78
CA GLN A 59 -8.21 16.85 6.92
C GLN A 59 -7.03 16.10 7.55
N CYS A 60 -5.95 16.84 7.75
CA CYS A 60 -4.81 16.40 8.53
C CYS A 60 -4.59 17.40 9.67
N GLN A 61 -3.98 16.95 10.75
CA GLN A 61 -3.66 17.82 11.87
C GLN A 61 -2.16 18.07 11.94
N LEU A 62 -1.80 19.28 12.35
CA LEU A 62 -0.42 19.72 12.44
C LEU A 62 0.01 19.75 13.90
N MET A 63 1.25 19.32 14.15
CA MET A 63 1.80 19.30 15.50
C MET A 63 3.27 19.74 15.44
N LYS A 64 3.63 20.67 16.31
CA LYS A 64 5.02 21.08 16.47
C LYS A 64 5.60 20.40 17.70
N THR A 65 6.85 19.98 17.61
CA THR A 65 7.49 19.29 18.72
C THR A 65 9.00 19.53 18.65
N GLU A 66 9.67 19.25 19.77
CA GLU A 66 11.11 19.36 19.86
C GLU A 66 11.81 18.01 19.99
N ARG A 67 11.04 16.91 19.95
CA ARG A 67 11.56 15.56 19.92
C ARG A 67 11.02 14.84 18.69
N PRO A 68 11.83 14.00 18.02
CA PRO A 68 13.19 13.57 18.40
C PRO A 68 14.26 14.64 18.24
N ARG A 69 14.01 15.66 17.41
CA ARG A 69 14.95 16.76 17.24
C ARG A 69 14.17 18.07 17.17
N PRO A 70 14.78 19.17 17.58
CA PRO A 70 14.02 20.44 17.69
C PRO A 70 13.56 20.96 16.34
N ASN A 71 12.64 21.94 16.42
CA ASN A 71 12.05 22.59 15.25
C ASN A 71 11.45 21.58 14.28
N THR A 72 10.74 20.60 14.82
CA THR A 72 10.08 19.55 14.04
C THR A 72 8.59 19.81 14.02
N PHE A 73 7.97 19.58 12.87
CA PHE A 73 6.51 19.58 12.76
C PHE A 73 6.05 18.33 12.03
N ILE A 74 4.89 17.83 12.45
CA ILE A 74 4.36 16.54 11.99
C ILE A 74 3.00 16.77 11.35
N ILE A 75 2.85 16.31 10.11
CA ILE A 75 1.54 16.27 9.47
C ILE A 75 0.96 14.88 9.71
N ARG A 76 -0.19 14.83 10.38
CA ARG A 76 -0.83 13.58 10.76
C ARG A 76 -2.16 13.48 10.04
N CYS A 77 -2.32 12.43 9.23
CA CYS A 77 -3.51 12.26 8.41
C CYS A 77 -4.13 10.90 8.67
N LEU A 78 -5.46 10.84 8.52
CA LEU A 78 -6.19 9.58 8.45
C LEU A 78 -6.59 9.37 7.00
N GLN A 79 -5.95 8.40 6.36
CA GLN A 79 -6.24 8.05 4.97
C GLN A 79 -6.94 6.70 4.98
N TRP A 80 -8.21 6.71 4.56
CA TRP A 80 -9.07 5.53 4.64
C TRP A 80 -9.16 5.06 6.09
N THR A 81 -8.43 3.99 6.43
CA THR A 81 -8.45 3.46 7.79
C THR A 81 -7.06 3.38 8.39
N THR A 82 -6.09 4.07 7.82
CA THR A 82 -4.71 4.07 8.30
C THR A 82 -4.29 5.48 8.68
N VAL A 83 -3.69 5.61 9.87
CA VAL A 83 -3.10 6.87 10.31
C VAL A 83 -1.66 6.92 9.85
N ILE A 84 -1.30 7.97 9.11
CA ILE A 84 0.05 8.11 8.57
C ILE A 84 0.61 9.45 9.04
N GLU A 85 1.94 9.49 9.20
CA GLU A 85 2.62 10.70 9.64
C GLU A 85 3.77 11.03 8.71
N ARG A 86 3.99 12.33 8.53
CA ARG A 86 5.13 12.85 7.80
C ARG A 86 5.75 13.96 8.65
N THR A 87 6.98 13.75 9.09
CA THR A 87 7.65 14.64 10.03
C THR A 87 8.75 15.42 9.31
N PHE A 88 8.77 16.74 9.53
CA PHE A 88 9.71 17.62 8.84
C PHE A 88 10.43 18.48 9.87
N HIS A 89 11.53 19.09 9.43
CA HIS A 89 12.39 19.85 10.33
C HIS A 89 13.03 21.01 9.58
N VAL A 90 12.87 22.22 10.11
CA VAL A 90 13.48 23.41 9.54
C VAL A 90 14.56 23.92 10.49
N GLU A 91 15.35 24.87 10.02
CA GLU A 91 16.46 25.37 10.83
C GLU A 91 16.01 26.31 11.94
N THR A 92 14.94 27.07 11.73
CA THR A 92 14.50 28.04 12.72
C THR A 92 13.03 27.85 13.04
N PRO A 93 12.60 28.24 14.25
CA PRO A 93 11.16 28.14 14.58
C PRO A 93 10.30 29.07 13.75
N GLU A 94 10.87 30.18 13.24
CA GLU A 94 10.11 31.09 12.40
C GLU A 94 9.69 30.41 11.10
N GLU A 95 10.64 29.73 10.43
CA GLU A 95 10.31 29.01 9.21
C GLU A 95 9.22 27.97 9.46
N ARG A 96 9.31 27.27 10.59
CA ARG A 96 8.28 26.29 10.92
C ARG A 96 6.91 26.95 11.06
N GLU A 97 6.85 28.08 11.77
CA GLU A 97 5.56 28.72 12.02
C GLU A 97 4.91 29.16 10.71
N GLU A 98 5.69 29.77 9.81
CA GLU A 98 5.14 30.17 8.52
C GLU A 98 4.94 28.96 7.59
N TRP A 99 5.65 27.87 7.82
CA TRP A 99 5.37 26.64 7.09
C TRP A 99 4.06 26.02 7.57
N THR A 100 3.85 25.94 8.88
CA THR A 100 2.66 25.28 9.41
C THR A 100 1.40 26.08 9.10
N THR A 101 1.46 27.40 9.25
CA THR A 101 0.27 28.22 8.99
C THR A 101 -0.20 28.07 7.56
N ALA A 102 0.73 28.09 6.61
CA ALA A 102 0.37 27.90 5.20
C ALA A 102 -0.30 26.56 4.98
N ILE A 103 0.26 25.50 5.57
CA ILE A 103 -0.37 24.19 5.50
C ILE A 103 -1.74 24.24 6.17
N GLN A 104 -1.82 24.87 7.35
CA GLN A 104 -3.11 25.02 8.02
C GLN A 104 -4.06 25.88 7.20
N THR A 105 -3.54 26.87 6.47
CA THR A 105 -4.38 27.71 5.64
C THR A 105 -5.02 26.89 4.52
N VAL A 106 -4.21 26.11 3.81
CA VAL A 106 -4.72 25.31 2.69
C VAL A 106 -5.66 24.22 3.20
N ALA A 107 -5.36 23.64 4.37
CA ALA A 107 -6.24 22.62 4.92
C ALA A 107 -7.61 23.19 5.26
N ASP A 108 -7.63 24.36 5.91
CA ASP A 108 -8.89 25.02 6.20
C ASP A 108 -9.50 25.65 4.95
N GLY A 109 -8.66 26.10 4.01
CA GLY A 109 -9.17 26.71 2.80
C GLY A 109 -9.89 25.72 1.90
N LEU A 110 -9.48 24.46 1.93
CA LEU A 110 -10.14 23.41 1.17
C LEU A 110 -11.30 22.76 1.92
N LYS A 111 -11.63 23.26 3.10
CA LYS A 111 -12.72 22.70 3.90
C LYS A 111 -14.08 23.02 3.29
N ARG A 144 -26.93 -0.01 15.23
CA ARG A 144 -26.18 0.24 16.45
C ARG A 144 -25.28 -0.96 16.79
N VAL A 145 -23.99 -0.79 16.56
CA VAL A 145 -23.01 -1.87 16.67
C VAL A 145 -22.03 -1.52 17.78
N THR A 146 -21.72 -2.50 18.64
CA THR A 146 -20.82 -2.32 19.77
C THR A 146 -19.74 -3.39 19.74
N MET A 147 -18.83 -3.32 20.73
CA MET A 147 -17.72 -4.28 20.80
C MET A 147 -18.20 -5.66 21.23
N ASN A 148 -19.25 -5.73 22.05
CA ASN A 148 -19.73 -7.00 22.56
C ASN A 148 -20.32 -7.88 21.46
N GLU A 149 -20.65 -7.30 20.29
CA GLU A 149 -21.22 -8.10 19.21
C GLU A 149 -20.20 -9.01 18.53
N PHE A 150 -18.92 -8.88 18.88
CA PHE A 150 -17.87 -9.66 18.25
C PHE A 150 -17.16 -10.50 19.30
N GLU A 151 -16.43 -11.51 18.82
CA GLU A 151 -15.63 -12.38 19.68
C GLU A 151 -14.17 -12.21 19.30
N TYR A 152 -13.37 -11.76 20.27
CA TYR A 152 -11.93 -11.64 20.07
C TYR A 152 -11.32 -13.01 19.80
N LEU A 153 -10.49 -13.11 18.77
CA LEU A 153 -9.86 -14.37 18.39
C LEU A 153 -8.34 -14.29 18.46
N LYS A 154 -7.71 -13.47 17.63
CA LYS A 154 -6.25 -13.43 17.56
C LYS A 154 -5.80 -12.03 17.23
N LEU A 155 -4.73 -11.59 17.90
CA LEU A 155 -4.12 -10.30 17.59
C LEU A 155 -3.29 -10.43 16.33
N LEU A 156 -3.67 -9.68 15.30
CA LEU A 156 -2.96 -9.68 14.03
C LEU A 156 -1.80 -8.70 13.99
N GLY A 157 -1.94 -7.54 14.63
CA GLY A 157 -0.83 -6.59 14.65
C GLY A 157 -1.02 -5.42 15.59
N LYS A 158 0.09 -4.91 16.12
CA LYS A 158 0.09 -3.70 16.94
C LYS A 158 0.80 -2.58 16.19
N GLY A 159 0.35 -1.36 16.44
CA GLY A 159 0.94 -0.18 15.82
C GLY A 159 1.04 0.95 16.82
N THR A 160 1.56 2.08 16.34
CA THR A 160 1.71 3.26 17.20
C THR A 160 0.36 3.74 17.70
N PHE A 161 -0.65 3.77 16.84
CA PHE A 161 -1.94 4.37 17.14
C PHE A 161 -3.06 3.37 17.31
N GLY A 162 -2.76 2.08 17.36
CA GLY A 162 -3.80 1.10 17.58
C GLY A 162 -3.34 -0.30 17.18
N LYS A 163 -4.31 -1.21 17.19
CA LYS A 163 -4.07 -2.62 16.91
C LYS A 163 -5.09 -3.14 15.91
N VAL A 164 -4.73 -4.24 15.24
CA VAL A 164 -5.60 -4.98 14.35
C VAL A 164 -5.82 -6.37 14.94
N ILE A 165 -7.06 -6.84 14.90
CA ILE A 165 -7.45 -8.08 15.59
C ILE A 165 -8.39 -8.87 14.69
N LEU A 166 -8.14 -10.18 14.59
CA LEU A 166 -9.09 -11.09 13.95
C LEU A 166 -10.25 -11.32 14.91
N VAL A 167 -11.46 -11.01 14.45
CA VAL A 167 -12.66 -11.17 15.26
C VAL A 167 -13.65 -12.05 14.51
N LYS A 168 -14.67 -12.50 15.23
CA LYS A 168 -15.78 -13.26 14.65
C LYS A 168 -17.08 -12.61 15.12
N GLU A 169 -17.90 -12.19 14.16
CA GLU A 169 -19.22 -11.67 14.51
C GLU A 169 -20.07 -12.82 15.05
N LYS A 170 -20.54 -12.66 16.30
CA LYS A 170 -21.21 -13.77 16.98
C LYS A 170 -22.48 -14.19 16.26
N ALA A 171 -23.28 -13.23 15.80
CA ALA A 171 -24.57 -13.57 15.21
C ALA A 171 -24.41 -14.38 13.93
N THR A 172 -23.43 -14.03 13.09
CA THR A 172 -23.29 -14.66 11.80
C THR A 172 -22.16 -15.68 11.73
N GLY A 173 -21.21 -15.63 12.66
CA GLY A 173 -20.06 -16.51 12.59
C GLY A 173 -19.05 -16.16 11.54
N ARG A 174 -19.19 -15.01 10.88
CA ARG A 174 -18.24 -14.62 9.86
C ARG A 174 -17.00 -13.99 10.48
N TYR A 175 -15.95 -13.91 9.68
CA TYR A 175 -14.63 -13.52 10.17
C TYR A 175 -14.26 -12.15 9.63
N TYR A 176 -13.75 -11.30 10.52
CA TYR A 176 -13.46 -9.91 10.21
C TYR A 176 -12.18 -9.48 10.90
N ALA A 177 -11.47 -8.54 10.28
CA ALA A 177 -10.37 -7.85 10.92
C ALA A 177 -10.86 -6.49 11.40
N MET A 178 -10.49 -6.14 12.64
CA MET A 178 -10.96 -4.90 13.26
C MET A 178 -9.75 -4.03 13.59
N LYS A 179 -9.62 -2.92 12.87
CA LYS A 179 -8.66 -1.88 13.22
C LYS A 179 -9.22 -1.06 14.38
N ILE A 180 -8.54 -1.08 15.51
CA ILE A 180 -8.94 -0.32 16.69
C ILE A 180 -7.93 0.80 16.87
N LEU A 181 -8.33 2.03 16.53
CA LEU A 181 -7.43 3.17 16.53
C LEU A 181 -7.73 4.08 17.71
N LYS A 182 -6.66 4.60 18.33
CA LYS A 182 -6.81 5.53 19.44
C LYS A 182 -7.47 6.82 18.97
N LYS A 183 -8.65 7.11 19.52
CA LYS A 183 -9.43 8.27 19.07
C LYS A 183 -8.74 9.58 19.39
N GLU A 184 -7.81 9.61 20.36
CA GLU A 184 -7.12 10.85 20.66
C GLU A 184 -6.30 11.34 19.48
N VAL A 185 -5.88 10.42 18.60
CA VAL A 185 -4.93 10.75 17.54
C VAL A 185 -5.61 11.36 16.32
N ILE A 186 -6.90 11.11 16.10
CA ILE A 186 -7.57 11.60 14.91
C ILE A 186 -7.88 13.08 15.05
N GLN A 203 -19.58 4.94 3.95
CA GLN A 203 -18.51 5.62 3.25
C GLN A 203 -17.76 4.64 2.34
N ASN A 204 -18.01 3.35 2.54
CA ASN A 204 -17.22 2.30 1.89
C ASN A 204 -17.27 2.45 0.37
N SER A 205 -16.17 2.05 -0.27
CA SER A 205 -16.07 2.00 -1.72
C SER A 205 -15.64 0.59 -2.10
N ARG A 206 -16.48 -0.11 -2.85
CA ARG A 206 -16.26 -1.53 -3.10
C ARG A 206 -15.63 -1.77 -4.48
N HIS A 207 -14.72 -2.73 -4.51
CA HIS A 207 -14.14 -3.35 -5.69
C HIS A 207 -14.12 -4.84 -5.43
N PRO A 208 -14.24 -5.67 -6.47
CA PRO A 208 -14.24 -7.12 -6.25
C PRO A 208 -13.07 -7.66 -5.45
N PHE A 209 -11.88 -7.11 -5.64
CA PHE A 209 -10.65 -7.71 -5.14
C PHE A 209 -10.00 -6.88 -4.04
N LEU A 210 -10.75 -5.96 -3.44
CA LEU A 210 -10.33 -5.22 -2.26
C LEU A 210 -11.16 -5.68 -1.07
N THR A 211 -10.52 -5.84 0.07
CA THR A 211 -11.26 -6.20 1.28
C THR A 211 -12.23 -5.09 1.64
N ALA A 212 -13.50 -5.45 1.78
CA ALA A 212 -14.53 -4.44 2.03
C ALA A 212 -14.48 -3.97 3.48
N LEU A 213 -14.64 -2.65 3.67
CA LEU A 213 -14.87 -2.11 5.01
C LEU A 213 -16.35 -2.30 5.31
N LYS A 214 -16.67 -3.24 6.19
CA LYS A 214 -18.07 -3.54 6.45
C LYS A 214 -18.69 -2.56 7.45
N TYR A 215 -18.26 -2.61 8.71
CA TYR A 215 -18.78 -1.72 9.73
C TYR A 215 -17.74 -0.66 10.10
N SER A 216 -18.24 0.48 10.56
CA SER A 216 -17.42 1.52 11.16
C SER A 216 -18.14 2.04 12.40
N PHE A 217 -17.49 1.92 13.56
CA PHE A 217 -18.04 2.44 14.79
C PHE A 217 -16.89 2.89 15.69
N GLN A 218 -17.25 3.63 16.73
CA GLN A 218 -16.27 4.17 17.67
C GLN A 218 -16.79 4.00 19.09
N THR A 219 -15.87 4.14 20.04
CA THR A 219 -16.23 4.14 21.46
C THR A 219 -15.83 5.47 22.08
N HIS A 220 -15.67 5.49 23.41
CA HIS A 220 -15.28 6.72 24.08
C HIS A 220 -13.89 7.17 23.65
N ASP A 221 -12.96 6.23 23.52
CA ASP A 221 -11.58 6.54 23.20
C ASP A 221 -11.04 5.77 22.00
N ARG A 222 -11.86 4.94 21.35
CA ARG A 222 -11.42 4.13 20.23
C ARG A 222 -12.23 4.46 18.98
N LEU A 223 -11.62 4.19 17.83
CA LEU A 223 -12.30 4.18 16.54
C LEU A 223 -12.03 2.84 15.89
N CYS A 224 -13.10 2.17 15.48
CA CYS A 224 -13.02 0.77 15.03
C CYS A 224 -13.48 0.66 13.59
N PHE A 225 -12.69 -0.05 12.79
CA PHE A 225 -13.03 -0.36 11.40
C PHE A 225 -13.10 -1.88 11.26
N VAL A 226 -14.26 -2.38 10.87
CA VAL A 226 -14.48 -3.81 10.69
C VAL A 226 -14.37 -4.13 9.21
N MET A 227 -13.46 -5.04 8.85
CA MET A 227 -13.16 -5.36 7.47
C MET A 227 -13.32 -6.85 7.21
N GLU A 228 -13.77 -7.18 6.00
CA GLU A 228 -13.92 -8.58 5.61
C GLU A 228 -12.58 -9.30 5.65
N TYR A 229 -12.57 -10.49 6.24
CA TYR A 229 -11.38 -11.33 6.31
C TYR A 229 -11.60 -12.56 5.44
N ALA A 230 -10.79 -12.71 4.40
CA ALA A 230 -10.89 -13.85 3.50
C ALA A 230 -10.44 -15.13 4.20
N ASN A 231 -11.06 -16.24 3.83
CA ASN A 231 -10.77 -17.53 4.46
C ASN A 231 -10.23 -18.55 3.46
N GLY A 232 -9.69 -18.10 2.33
CA GLY A 232 -9.04 -18.98 1.40
C GLY A 232 -7.56 -19.16 1.60
N GLY A 233 -6.99 -18.48 2.58
CA GLY A 233 -5.59 -18.64 2.93
C GLY A 233 -4.73 -17.49 2.45
N GLU A 234 -3.67 -17.22 3.21
CA GLU A 234 -2.68 -16.24 2.79
C GLU A 234 -1.99 -16.72 1.52
N LEU A 235 -1.60 -15.77 0.67
CA LEU A 235 -1.03 -16.16 -0.62
C LEU A 235 0.40 -16.65 -0.48
N PHE A 236 1.15 -16.14 0.51
CA PHE A 236 2.48 -16.69 0.76
C PHE A 236 2.40 -18.14 1.19
N PHE A 237 1.29 -18.52 1.82
CA PHE A 237 1.09 -19.91 2.22
C PHE A 237 0.83 -20.80 1.02
N HIS A 238 -0.01 -20.33 0.08
CA HIS A 238 -0.29 -21.12 -1.11
C HIS A 238 0.92 -21.17 -2.04
N LEU A 239 1.69 -20.09 -2.12
CA LEU A 239 2.86 -20.10 -2.99
C LEU A 239 3.96 -20.99 -2.41
N SER A 240 4.11 -21.01 -1.08
CA SER A 240 5.12 -21.86 -0.45
C SER A 240 4.80 -23.33 -0.63
N ARG A 241 3.53 -23.71 -0.45
CA ARG A 241 3.14 -25.11 -0.60
C ARG A 241 3.35 -25.59 -2.03
N GLU A 242 3.08 -24.73 -3.01
CA GLU A 242 3.18 -25.08 -4.41
C GLU A 242 4.47 -24.60 -5.05
N ARG A 243 5.38 -24.05 -4.25
CA ARG A 243 6.70 -23.62 -4.68
C ARG A 243 6.64 -22.52 -5.73
N VAL A 244 6.11 -22.85 -6.91
CA VAL A 244 6.02 -21.91 -8.02
C VAL A 244 4.62 -21.99 -8.61
N PHE A 245 4.13 -20.86 -9.10
CA PHE A 245 2.87 -20.79 -9.82
C PHE A 245 3.14 -20.86 -11.32
N SER A 246 2.22 -21.50 -12.05
CA SER A 246 2.30 -21.52 -13.49
C SER A 246 2.05 -20.12 -14.05
N GLU A 247 2.56 -19.88 -15.27
CA GLU A 247 2.37 -18.57 -15.89
C GLU A 247 0.89 -18.24 -16.04
N ASP A 248 0.07 -19.25 -16.30
CA ASP A 248 -1.37 -19.03 -16.38
C ASP A 248 -1.95 -18.74 -14.99
N ARG A 249 -1.46 -19.43 -13.97
CA ARG A 249 -1.94 -19.17 -12.61
C ARG A 249 -1.57 -17.77 -12.16
N ALA A 250 -0.34 -17.33 -12.47
CA ALA A 250 0.07 -15.98 -12.11
C ALA A 250 -0.63 -14.93 -12.95
N ARG A 251 -1.02 -15.28 -14.18
CA ARG A 251 -1.78 -14.36 -15.02
C ARG A 251 -3.14 -14.08 -14.39
N PHE A 252 -3.81 -15.12 -13.89
CA PHE A 252 -5.08 -14.92 -13.20
C PHE A 252 -4.92 -14.02 -11.98
N TYR A 253 -3.94 -14.34 -11.13
CA TYR A 253 -3.69 -13.54 -9.94
C TYR A 253 -3.26 -12.12 -10.30
N GLY A 254 -2.36 -11.97 -11.28
CA GLY A 254 -1.93 -10.66 -11.66
C GLY A 254 -3.03 -9.81 -12.26
N ALA A 255 -3.86 -10.43 -13.11
CA ALA A 255 -4.93 -9.69 -13.78
C ALA A 255 -5.89 -9.06 -12.77
N GLU A 256 -6.24 -9.80 -11.72
CA GLU A 256 -7.17 -9.27 -10.72
C GLU A 256 -6.53 -8.14 -9.93
N ILE A 257 -5.22 -8.21 -9.69
CA ILE A 257 -4.52 -7.15 -8.98
C ILE A 257 -4.46 -5.89 -9.84
N VAL A 258 -4.17 -6.06 -11.13
CA VAL A 258 -4.17 -4.93 -12.05
C VAL A 258 -5.55 -4.27 -12.06
N SER A 259 -6.61 -5.09 -12.02
CA SER A 259 -7.96 -4.54 -12.01
C SER A 259 -8.19 -3.65 -10.80
N ALA A 260 -7.85 -4.16 -9.61
CA ALA A 260 -8.05 -3.38 -8.39
C ALA A 260 -7.14 -2.16 -8.35
N LEU A 261 -5.93 -2.26 -8.92
CA LEU A 261 -5.01 -1.13 -8.90
C LEU A 261 -5.51 0.00 -9.79
N ASP A 262 -6.17 -0.34 -10.90
CA ASP A 262 -6.74 0.68 -11.76
C ASP A 262 -7.83 1.47 -11.03
N TYR A 263 -8.67 0.76 -10.27
CA TYR A 263 -9.72 1.42 -9.49
C TYR A 263 -9.13 2.42 -8.51
N LEU A 264 -8.09 2.02 -7.77
CA LEU A 264 -7.49 2.91 -6.78
C LEU A 264 -6.80 4.08 -7.44
N HIS A 265 -6.26 3.89 -8.65
CA HIS A 265 -5.52 4.97 -9.31
C HIS A 265 -6.45 5.98 -9.95
N SER A 266 -7.48 5.51 -10.66
CA SER A 266 -8.34 6.41 -11.41
C SER A 266 -9.56 6.86 -10.61
N GLU A 267 -10.31 5.91 -10.04
CA GLU A 267 -11.49 6.26 -9.25
C GLU A 267 -11.08 6.95 -7.95
N LYS A 268 -10.07 6.41 -7.26
CA LYS A 268 -9.72 6.86 -5.92
C LYS A 268 -8.54 7.82 -5.87
N ASN A 269 -7.72 7.88 -6.92
CA ASN A 269 -6.57 8.78 -6.98
C ASN A 269 -5.65 8.59 -5.77
N VAL A 270 -5.26 7.34 -5.54
CA VAL A 270 -4.37 7.01 -4.44
C VAL A 270 -3.43 5.91 -4.90
N VAL A 271 -2.20 5.97 -4.39
CA VAL A 271 -1.23 4.89 -4.57
C VAL A 271 -1.38 3.92 -3.41
N TYR A 272 -1.45 2.63 -3.70
CA TYR A 272 -1.57 1.64 -2.64
C TYR A 272 -0.29 1.52 -1.84
N ARG A 273 0.85 1.47 -2.54
CA ARG A 273 2.17 1.61 -1.92
C ARG A 273 2.57 0.46 -0.98
N ASP A 274 1.73 -0.55 -0.86
CA ASP A 274 2.03 -1.68 0.01
C ASP A 274 1.74 -3.01 -0.68
N LEU A 275 1.83 -3.04 -2.01
CA LEU A 275 1.58 -4.26 -2.76
C LEU A 275 2.73 -5.23 -2.52
N LYS A 276 2.43 -6.31 -1.79
CA LYS A 276 3.38 -7.40 -1.56
C LYS A 276 2.59 -8.67 -1.35
N LEU A 277 3.30 -9.80 -1.37
CA LEU A 277 2.65 -11.10 -1.26
C LEU A 277 1.93 -11.27 0.07
N GLU A 278 2.47 -10.70 1.15
CA GLU A 278 1.83 -10.84 2.46
C GLU A 278 0.49 -10.13 2.55
N ASN A 279 0.23 -9.15 1.66
CA ASN A 279 -1.04 -8.45 1.65
C ASN A 279 -1.99 -8.99 0.57
N LEU A 280 -1.81 -10.24 0.16
CA LEU A 280 -2.68 -10.89 -0.82
C LEU A 280 -3.30 -12.12 -0.18
N MET A 281 -4.62 -12.25 -0.28
CA MET A 281 -5.33 -13.41 0.23
C MET A 281 -6.32 -13.90 -0.81
N LEU A 282 -6.78 -15.13 -0.63
CA LEU A 282 -7.82 -15.71 -1.45
C LEU A 282 -9.10 -15.84 -0.64
N ASP A 283 -10.23 -15.67 -1.31
CA ASP A 283 -11.52 -15.85 -0.65
C ASP A 283 -11.92 -17.32 -0.75
N LYS A 284 -13.18 -17.62 -0.42
CA LYS A 284 -13.67 -18.99 -0.45
C LYS A 284 -13.58 -19.59 -1.86
N ASP A 285 -13.66 -18.75 -2.90
CA ASP A 285 -13.66 -19.23 -4.27
C ASP A 285 -12.28 -19.28 -4.90
N GLY A 286 -11.30 -18.57 -4.35
CA GLY A 286 -9.98 -18.51 -4.91
C GLY A 286 -9.65 -17.24 -5.65
N HIS A 287 -10.49 -16.22 -5.56
CA HIS A 287 -10.17 -14.92 -6.14
C HIS A 287 -9.33 -14.11 -5.16
N ILE A 288 -8.66 -13.09 -5.68
CA ILE A 288 -7.73 -12.32 -4.87
C ILE A 288 -8.47 -11.25 -4.08
N LYS A 289 -8.03 -11.04 -2.84
CA LYS A 289 -8.42 -9.89 -2.04
C LYS A 289 -7.14 -9.19 -1.59
N ILE A 290 -7.02 -7.92 -1.94
CA ILE A 290 -5.93 -7.08 -1.45
C ILE A 290 -6.34 -6.53 -0.09
N THR A 291 -5.53 -6.79 0.93
CA THR A 291 -5.91 -6.49 2.30
C THR A 291 -5.60 -5.03 2.65
N ASP A 292 -6.08 -4.64 3.83
CA ASP A 292 -5.91 -3.30 4.36
C ASP A 292 -5.84 -3.41 5.88
N PHE A 293 -4.87 -4.18 6.37
CA PHE A 293 -4.70 -4.44 7.79
C PHE A 293 -3.46 -3.76 8.34
N GLY A 294 -2.95 -2.75 7.65
CA GLY A 294 -1.70 -2.13 8.05
C GLY A 294 -1.88 -1.12 9.17
N LEU A 295 -0.83 -0.98 9.97
CA LEU A 295 -0.77 0.04 11.02
C LEU A 295 0.59 0.70 10.97
N CYS A 296 0.60 2.02 11.11
CA CYS A 296 1.86 2.75 11.14
C CYS A 296 2.61 2.44 12.43
N LYS A 297 3.76 1.77 12.30
CA LYS A 297 4.61 1.45 13.42
C LYS A 297 5.88 2.30 13.37
N GLU A 298 6.39 2.66 14.54
CA GLU A 298 7.73 3.21 14.62
C GLU A 298 8.72 2.06 14.57
N GLY A 299 9.64 2.12 13.61
CA GLY A 299 10.41 0.95 13.23
C GLY A 299 11.34 0.44 14.32
N ILE A 300 12.00 -0.67 13.99
CA ILE A 300 13.01 -1.24 14.85
C ILE A 300 14.35 -0.58 14.54
N LYS A 301 15.26 -0.63 15.51
CA LYS A 301 16.58 -0.02 15.35
C LYS A 301 17.36 -0.70 14.22
N PHE A 309 14.98 2.17 10.89
CA PHE A 309 14.40 1.47 9.74
C PHE A 309 13.06 0.84 10.10
N CYS A 310 12.13 0.84 9.15
CA CYS A 310 10.80 0.29 9.33
C CYS A 310 10.48 -0.69 8.21
N GLY A 311 9.78 -1.77 8.57
CA GLY A 311 9.31 -2.72 7.58
C GLY A 311 10.39 -3.59 6.98
N THR A 312 9.99 -4.31 5.94
CA THR A 312 10.89 -5.19 5.19
C THR A 312 11.18 -4.55 3.85
N PRO A 313 12.41 -4.08 3.60
CA PRO A 313 12.66 -3.24 2.42
C PRO A 313 12.72 -3.99 1.09
N GLU A 314 12.66 -5.32 1.09
CA GLU A 314 12.86 -6.07 -0.16
C GLU A 314 11.76 -5.84 -1.18
N TYR A 315 10.66 -5.18 -0.80
CA TYR A 315 9.56 -4.92 -1.74
C TYR A 315 9.50 -3.48 -2.22
N LEU A 316 10.30 -2.59 -1.64
CA LEU A 316 10.13 -1.16 -1.87
C LEU A 316 10.58 -0.74 -3.26
N ALA A 317 9.77 0.08 -3.92
CA ALA A 317 10.18 0.66 -5.19
C ALA A 317 11.37 1.59 -4.95
N PRO A 318 12.27 1.71 -5.94
CA PRO A 318 13.46 2.54 -5.71
C PRO A 318 13.15 4.00 -5.39
N GLU A 319 12.13 4.59 -6.04
CA GLU A 319 11.82 5.98 -5.77
C GLU A 319 11.32 6.18 -4.35
N VAL A 320 10.68 5.15 -3.77
CA VAL A 320 10.28 5.22 -2.37
C VAL A 320 11.49 5.01 -1.46
N LEU A 321 12.38 4.08 -1.83
CA LEU A 321 13.57 3.81 -1.03
C LEU A 321 14.42 5.06 -0.87
N GLU A 322 14.56 5.85 -1.93
CA GLU A 322 15.34 7.09 -1.87
C GLU A 322 14.54 8.27 -1.32
N ASP A 323 13.32 8.03 -0.82
CA ASP A 323 12.43 9.10 -0.35
C ASP A 323 12.27 10.20 -1.40
N ASN A 324 12.27 9.80 -2.67
CA ASN A 324 12.15 10.71 -3.79
C ASN A 324 10.66 10.93 -4.09
N ASP A 325 10.36 11.66 -5.16
CA ASP A 325 8.98 11.82 -5.57
C ASP A 325 8.47 10.53 -6.20
N TYR A 326 7.30 10.09 -5.76
CA TYR A 326 6.70 8.86 -6.25
C TYR A 326 5.28 9.13 -6.75
N GLY A 327 4.80 8.22 -7.58
CA GLY A 327 3.46 8.32 -8.12
C GLY A 327 2.81 6.96 -8.26
N ARG A 328 1.89 6.83 -9.21
CA ARG A 328 1.17 5.56 -9.38
C ARG A 328 2.09 4.43 -9.80
N ALA A 329 3.26 4.75 -10.36
CA ALA A 329 4.18 3.72 -10.82
C ALA A 329 4.70 2.84 -9.69
N VAL A 330 4.60 3.29 -8.44
CA VAL A 330 5.06 2.50 -7.31
C VAL A 330 4.33 1.16 -7.26
N ASP A 331 3.01 1.18 -7.46
CA ASP A 331 2.24 -0.06 -7.37
C ASP A 331 2.58 -1.02 -8.50
N TRP A 332 3.02 -0.51 -9.65
CA TRP A 332 3.43 -1.39 -10.73
C TRP A 332 4.75 -2.08 -10.42
N TRP A 333 5.66 -1.37 -9.74
CA TRP A 333 6.85 -2.03 -9.22
C TRP A 333 6.46 -3.13 -8.26
N GLY A 334 5.56 -2.84 -7.32
CA GLY A 334 5.09 -3.86 -6.41
C GLY A 334 4.43 -5.01 -7.14
N LEU A 335 3.69 -4.71 -8.20
CA LEU A 335 3.14 -5.77 -9.04
C LEU A 335 4.27 -6.59 -9.66
N GLY A 336 5.35 -5.94 -10.08
CA GLY A 336 6.47 -6.67 -10.64
C GLY A 336 7.11 -7.61 -9.64
N VAL A 337 7.26 -7.15 -8.40
CA VAL A 337 7.83 -7.97 -7.34
C VAL A 337 6.94 -9.15 -7.04
N VAL A 338 5.63 -8.93 -6.98
CA VAL A 338 4.70 -10.01 -6.64
C VAL A 338 4.71 -11.08 -7.72
N MET A 339 4.56 -10.68 -8.98
CA MET A 339 4.47 -11.66 -10.06
C MET A 339 5.82 -12.30 -10.35
N TYR A 340 6.92 -11.61 -10.07
CA TYR A 340 8.22 -12.25 -10.20
C TYR A 340 8.33 -13.45 -9.26
N GLU A 341 7.87 -13.29 -8.02
CA GLU A 341 7.99 -14.36 -7.06
C GLU A 341 7.01 -15.49 -7.34
N MET A 342 5.83 -15.17 -7.88
CA MET A 342 4.87 -16.22 -8.19
C MET A 342 5.37 -17.11 -9.33
N MET A 343 6.01 -16.51 -10.34
CA MET A 343 6.44 -17.26 -11.51
C MET A 343 7.86 -17.81 -11.39
N CYS A 344 8.67 -17.28 -10.48
CA CYS A 344 10.03 -17.77 -10.28
C CYS A 344 10.24 -18.53 -8.99
N GLY A 345 9.43 -18.26 -7.97
CA GLY A 345 9.59 -18.91 -6.68
C GLY A 345 10.55 -18.24 -5.74
N ARG A 346 11.09 -17.07 -6.10
CA ARG A 346 12.03 -16.35 -5.26
C ARG A 346 11.80 -14.86 -5.43
N LEU A 347 12.32 -14.09 -4.48
CA LEU A 347 12.28 -12.65 -4.60
C LEU A 347 13.36 -12.17 -5.57
N PRO A 348 13.12 -11.05 -6.26
CA PRO A 348 14.13 -10.59 -7.24
C PRO A 348 15.42 -10.12 -6.59
N PHE A 349 15.33 -9.47 -5.43
CA PHE A 349 16.49 -8.97 -4.72
C PHE A 349 16.49 -9.54 -3.31
N TYR A 350 17.66 -10.02 -2.87
CA TYR A 350 17.77 -10.57 -1.53
C TYR A 350 19.23 -10.56 -1.08
N ASN A 351 19.48 -9.98 0.10
CA ASN A 351 20.73 -10.14 0.82
C ASN A 351 20.50 -9.64 2.24
N GLN A 352 21.18 -10.29 3.19
CA GLN A 352 20.96 -9.98 4.61
C GLN A 352 21.34 -8.55 4.94
N ASP A 353 22.41 -8.04 4.34
CA ASP A 353 22.83 -6.67 4.58
C ASP A 353 21.85 -5.71 3.93
N HIS A 354 21.25 -4.82 4.74
CA HIS A 354 20.33 -3.83 4.19
C HIS A 354 21.07 -2.80 3.34
N GLU A 355 22.33 -2.49 3.66
CA GLU A 355 23.15 -1.66 2.79
C GLU A 355 23.29 -2.28 1.41
N LYS A 356 23.47 -3.61 1.37
CA LYS A 356 23.58 -4.29 0.08
C LYS A 356 22.21 -4.45 -0.56
N LEU A 357 21.18 -4.75 0.24
CA LEU A 357 19.82 -4.87 -0.30
C LEU A 357 19.37 -3.56 -0.93
N PHE A 358 19.63 -2.42 -0.27
CA PHE A 358 19.32 -1.14 -0.87
C PHE A 358 20.05 -0.98 -2.19
N GLU A 359 21.36 -1.21 -2.19
CA GLU A 359 22.13 -1.12 -3.42
C GLU A 359 21.63 -2.12 -4.46
N LEU A 360 21.21 -3.30 -4.02
CA LEU A 360 20.66 -4.29 -4.94
C LEU A 360 19.41 -3.77 -5.62
N ILE A 361 18.45 -3.27 -4.84
CA ILE A 361 17.20 -2.78 -5.41
C ILE A 361 17.45 -1.54 -6.27
N LEU A 362 18.46 -0.75 -5.91
CA LEU A 362 18.72 0.52 -6.59
C LEU A 362 19.62 0.35 -7.81
N MET A 363 20.55 -0.60 -7.78
CA MET A 363 21.58 -0.68 -8.81
C MET A 363 21.51 -1.97 -9.63
N GLU A 364 21.53 -3.12 -8.97
CA GLU A 364 21.59 -4.39 -9.70
C GLU A 364 20.33 -4.62 -10.51
N GLU A 365 20.49 -4.85 -11.81
CA GLU A 365 19.33 -5.16 -12.63
C GLU A 365 18.88 -6.60 -12.38
N ILE A 366 17.58 -6.80 -12.47
CA ILE A 366 16.99 -8.09 -12.14
C ILE A 366 17.40 -9.13 -13.17
N ARG A 367 17.61 -10.36 -12.71
CA ARG A 367 17.94 -11.47 -13.59
C ARG A 367 16.78 -12.46 -13.60
N PHE A 368 16.63 -13.16 -14.73
CA PHE A 368 15.52 -14.08 -14.90
C PHE A 368 16.01 -15.51 -15.13
N PRO A 369 15.25 -16.50 -14.70
CA PRO A 369 15.58 -17.89 -15.04
C PRO A 369 15.19 -18.19 -16.48
N ARG A 370 15.91 -19.15 -17.08
CA ARG A 370 15.59 -19.56 -18.44
C ARG A 370 14.23 -20.23 -18.52
N THR A 371 13.63 -20.59 -17.39
CA THR A 371 12.32 -21.24 -17.39
C THR A 371 11.21 -20.29 -17.81
N LEU A 372 11.40 -18.99 -17.66
CA LEU A 372 10.37 -18.03 -18.03
C LEU A 372 10.33 -17.82 -19.53
N GLY A 373 9.12 -17.60 -20.05
CA GLY A 373 8.92 -17.34 -21.45
C GLY A 373 9.24 -15.90 -21.81
N PRO A 374 9.20 -15.61 -23.12
CA PRO A 374 9.50 -14.23 -23.55
C PRO A 374 8.46 -13.22 -23.12
N GLU A 375 7.17 -13.59 -23.14
CA GLU A 375 6.14 -12.66 -22.73
C GLU A 375 6.28 -12.29 -21.25
N ALA A 376 6.64 -13.26 -20.42
CA ALA A 376 6.81 -12.99 -18.99
C ALA A 376 8.00 -12.07 -18.75
N LYS A 377 9.13 -12.33 -19.42
CA LYS A 377 10.32 -11.52 -19.20
C LYS A 377 10.10 -10.08 -19.62
N SER A 378 9.33 -9.86 -20.69
CA SER A 378 9.04 -8.49 -21.11
C SER A 378 8.18 -7.76 -20.09
N LEU A 379 7.25 -8.48 -19.44
CA LEU A 379 6.38 -7.84 -18.46
C LEU A 379 7.13 -7.53 -17.18
N LEU A 380 7.91 -8.50 -16.67
CA LEU A 380 8.63 -8.28 -15.41
C LEU A 380 9.70 -7.22 -15.57
N SER A 381 10.40 -7.21 -16.70
CA SER A 381 11.44 -6.20 -16.93
C SER A 381 10.84 -4.80 -16.97
N GLY A 382 9.69 -4.65 -17.62
CA GLY A 382 9.06 -3.34 -17.70
C GLY A 382 8.49 -2.88 -16.37
N LEU A 383 7.92 -3.81 -15.59
CA LEU A 383 7.36 -3.46 -14.29
C LEU A 383 8.46 -3.16 -13.27
N LEU A 384 9.62 -3.81 -13.39
CA LEU A 384 10.72 -3.62 -12.47
C LEU A 384 11.81 -2.73 -13.04
N LYS A 385 11.48 -1.88 -14.01
CA LYS A 385 12.37 -0.79 -14.38
C LYS A 385 12.58 0.12 -13.19
N LYS A 386 13.82 0.52 -12.95
CA LYS A 386 14.14 1.31 -11.76
C LYS A 386 13.75 2.77 -11.90
N ASP A 387 13.60 3.27 -13.12
CA ASP A 387 13.13 4.64 -13.33
C ASP A 387 11.61 4.62 -13.47
N PRO A 388 10.87 5.24 -12.56
CA PRO A 388 9.40 5.21 -12.66
C PRO A 388 8.86 5.89 -13.91
N LYS A 389 9.58 6.86 -14.47
CA LYS A 389 9.12 7.47 -15.72
C LYS A 389 9.28 6.51 -16.90
N GLN A 390 10.28 5.63 -16.84
CA GLN A 390 10.49 4.60 -17.85
C GLN A 390 9.70 3.33 -17.57
N ARG A 391 9.05 3.23 -16.42
CA ARG A 391 8.45 1.98 -15.97
C ARG A 391 7.12 1.71 -16.66
N LEU A 392 6.87 0.43 -16.94
CA LEU A 392 5.59 0.00 -17.49
C LEU A 392 4.46 0.35 -16.53
N GLY A 393 3.55 1.21 -16.99
CA GLY A 393 2.49 1.74 -16.15
C GLY A 393 2.75 3.11 -15.59
N GLY A 394 3.93 3.67 -15.84
CA GLY A 394 4.25 5.00 -15.37
C GLY A 394 3.76 6.14 -16.23
N GLY A 395 3.27 5.85 -17.44
CA GLY A 395 2.74 6.87 -18.30
C GLY A 395 1.34 7.28 -17.89
N SER A 396 0.75 8.17 -18.71
CA SER A 396 -0.57 8.68 -18.42
C SER A 396 -1.63 7.58 -18.52
N GLU A 397 -1.43 6.61 -19.41
CA GLU A 397 -2.38 5.51 -19.55
C GLU A 397 -2.40 4.61 -18.32
N ASP A 398 -1.32 4.62 -17.52
CA ASP A 398 -1.26 3.90 -16.25
C ASP A 398 -1.56 2.41 -16.41
N ALA A 399 -2.69 1.96 -15.86
CA ALA A 399 -3.01 0.54 -15.89
C ALA A 399 -3.23 0.04 -17.31
N LYS A 400 -3.58 0.93 -18.24
CA LYS A 400 -3.82 0.53 -19.62
C LYS A 400 -2.56 -0.02 -20.26
N GLU A 401 -1.39 0.49 -19.89
CA GLU A 401 -0.15 -0.02 -20.46
C GLU A 401 0.07 -1.49 -20.10
N ILE A 402 -0.25 -1.86 -18.86
CA ILE A 402 -0.12 -3.26 -18.45
C ILE A 402 -1.22 -4.11 -19.05
N MET A 403 -2.45 -3.58 -19.11
CA MET A 403 -3.55 -4.34 -19.68
C MET A 403 -3.32 -4.63 -21.15
N GLN A 404 -2.72 -3.69 -21.88
CA GLN A 404 -2.43 -3.86 -23.30
C GLN A 404 -1.15 -4.64 -23.55
N HIS A 405 -0.49 -5.16 -22.52
CA HIS A 405 0.77 -5.87 -22.70
C HIS A 405 0.53 -7.28 -23.25
N ARG A 406 1.53 -7.79 -23.98
CA ARG A 406 1.38 -9.07 -24.65
C ARG A 406 1.14 -10.21 -23.67
N PHE A 407 1.69 -10.12 -22.47
CA PHE A 407 1.48 -11.16 -21.47
C PHE A 407 0.01 -11.32 -21.12
N PHE A 408 -0.76 -10.23 -21.18
CA PHE A 408 -2.20 -10.26 -20.91
C PHE A 408 -3.03 -10.26 -22.19
N ALA A 409 -2.46 -10.74 -23.29
CA ALA A 409 -3.23 -10.92 -24.51
C ALA A 409 -4.30 -11.99 -24.30
N GLY A 410 -5.46 -11.76 -24.90
CA GLY A 410 -6.60 -12.66 -24.75
C GLY A 410 -7.42 -12.47 -23.50
N ILE A 411 -6.91 -11.71 -22.53
CA ILE A 411 -7.65 -11.45 -21.30
C ILE A 411 -8.66 -10.34 -21.57
N VAL A 412 -9.95 -10.68 -21.47
CA VAL A 412 -11.02 -9.68 -21.54
C VAL A 412 -11.16 -9.07 -20.15
N TRP A 413 -10.92 -7.77 -20.05
CA TRP A 413 -10.72 -7.14 -18.74
C TRP A 413 -12.03 -6.86 -18.02
N GLN A 414 -13.14 -6.70 -18.76
CA GLN A 414 -14.43 -6.62 -18.12
C GLN A 414 -14.78 -7.92 -17.43
N HIS A 415 -14.37 -9.05 -18.02
CA HIS A 415 -14.57 -10.35 -17.38
C HIS A 415 -13.86 -10.44 -16.05
N VAL A 416 -12.70 -9.79 -15.91
CA VAL A 416 -11.94 -9.88 -14.66
C VAL A 416 -12.70 -9.17 -13.54
N TYR A 417 -13.21 -7.97 -13.82
CA TYR A 417 -13.98 -7.24 -12.82
C TYR A 417 -15.20 -8.04 -12.38
N GLU A 418 -15.91 -8.64 -13.33
CA GLU A 418 -17.11 -9.40 -13.07
C GLU A 418 -16.82 -10.82 -12.62
N LYS A 419 -15.56 -11.13 -12.30
CA LYS A 419 -15.17 -12.43 -11.75
C LYS A 419 -15.58 -13.58 -12.67
N LYS A 420 -15.49 -13.34 -13.97
CA LYS A 420 -15.85 -14.35 -14.95
C LYS A 420 -14.72 -15.36 -15.17
N LEU A 421 -13.49 -14.97 -14.91
CA LEU A 421 -12.37 -15.90 -15.08
C LEU A 421 -12.43 -16.98 -14.01
N SER A 422 -12.05 -18.19 -14.39
CA SER A 422 -12.11 -19.31 -13.46
C SER A 422 -10.89 -19.33 -12.57
N PRO A 423 -11.06 -19.40 -11.25
CA PRO A 423 -9.91 -19.53 -10.35
C PRO A 423 -9.20 -20.86 -10.58
N PRO A 424 -7.93 -20.82 -10.94
CA PRO A 424 -7.21 -22.09 -11.15
C PRO A 424 -7.06 -22.92 -9.89
N PHE A 425 -7.10 -22.29 -8.72
CA PHE A 425 -6.97 -22.99 -7.45
C PHE A 425 -8.19 -22.69 -6.58
N LYS A 426 -9.00 -23.71 -6.33
CA LYS A 426 -10.11 -23.59 -5.40
C LYS A 426 -9.63 -23.98 -4.01
N PRO A 427 -9.59 -23.07 -3.05
CA PRO A 427 -9.15 -23.44 -1.71
C PRO A 427 -10.08 -24.46 -1.08
N GLN A 428 -9.50 -25.34 -0.26
CA GLN A 428 -10.25 -26.44 0.36
C GLN A 428 -11.04 -25.91 1.56
N VAL A 429 -12.07 -25.12 1.25
CA VAL A 429 -12.98 -24.59 2.25
C VAL A 429 -14.41 -24.88 1.81
N THR A 430 -15.27 -25.21 2.78
CA THR A 430 -16.66 -25.49 2.46
C THR A 430 -17.46 -24.21 2.25
N SER A 431 -17.26 -23.21 3.11
CA SER A 431 -18.04 -21.98 3.03
C SER A 431 -17.19 -20.81 3.49
N GLU A 432 -17.82 -19.64 3.55
CA GLU A 432 -17.20 -18.43 4.09
C GLU A 432 -16.95 -18.51 5.58
N THR A 433 -17.56 -19.47 6.27
CA THR A 433 -17.32 -19.68 7.69
C THR A 433 -16.35 -20.81 7.98
N ASP A 434 -15.89 -21.52 6.94
CA ASP A 434 -14.89 -22.56 7.12
C ASP A 434 -13.59 -21.96 7.59
N THR A 435 -12.97 -22.59 8.59
CA THR A 435 -11.76 -22.08 9.22
C THR A 435 -10.59 -23.03 9.02
N ARG A 436 -10.48 -23.63 7.83
CA ARG A 436 -9.38 -24.54 7.58
C ARG A 436 -8.04 -23.81 7.59
N TYR A 437 -7.96 -22.67 6.93
CA TYR A 437 -6.71 -21.90 6.89
C TYR A 437 -6.55 -21.03 8.13
N PHE A 438 -7.43 -21.15 9.11
CA PHE A 438 -7.23 -20.56 10.43
C PHE A 438 -6.76 -21.60 11.45
N ASP A 439 -6.89 -22.88 11.15
CA ASP A 439 -6.54 -23.96 12.06
C ASP A 439 -5.03 -24.15 12.10
N GLU A 440 -4.57 -25.14 12.87
CA GLU A 440 -3.15 -25.42 13.01
C GLU A 440 -2.61 -26.28 11.88
N GLU A 441 -3.42 -26.55 10.86
CA GLU A 441 -2.92 -27.04 9.57
C GLU A 441 -2.30 -25.92 8.75
N PHE A 442 -2.32 -24.68 9.27
CA PHE A 442 -1.81 -23.51 8.56
C PHE A 442 -0.31 -23.58 8.30
N THR A 443 0.38 -24.58 8.85
CA THR A 443 1.82 -24.73 8.63
C THR A 443 2.14 -24.81 7.15
CAA L1W B . -9.13 4.11 -0.43
CAB L1W B . -10.07 3.14 -0.74
CAD L1W B . -8.52 1.44 -0.10
CAE L1W B . -7.56 2.44 0.20
CAG L1W B . -8.32 0.06 0.01
CAH L1W B . -6.28 2.12 0.69
CAI L1W B . -9.18 -0.68 0.81
CAJ L1W B . -9.03 -2.05 0.94
CAK L1W B . -8.01 -2.70 0.24
CAL L1W B . -7.15 -1.97 -0.56
CAM L1W B . -7.30 -0.59 -0.69
CAN L1W B . -6.10 1.26 1.76
CAO L1W B . -4.83 0.94 2.22
CAP L1W B . -3.69 1.49 1.63
CAQ L1W B . -3.86 2.36 0.56
CAR L1W B . -5.14 2.67 0.09
CAS L1W B . -2.42 1.13 2.11
CAU L1W B . -1.82 2.73 3.77
CAV L1W B . -0.86 3.85 4.18
CAW L1W B . 0.58 3.37 4.10
CAX L1W B . 0.86 2.83 2.71
CAY L1W B . -0.15 1.74 2.40
CBA L1W B . 1.53 5.74 4.17
CBC L1W B . 3.28 5.44 5.36
CBD L1W B . 2.66 4.26 5.23
CBE L1W B . 4.41 5.57 6.04
CBF L1W B . 4.99 4.47 6.65
CBG L1W B . 4.36 3.25 6.54
CBH L1W B . 3.18 3.16 5.80
CBJ L1W B . 5.03 2.11 8.43
CBK L1W B . 5.77 0.86 8.93
CBL L1W B . 7.26 1.01 8.55
CBP L1W B . -9.53 5.43 -0.63
CBQ L1W B . -8.76 6.44 -0.07
CBR L1W B . -7.45 6.69 -0.47
CBS L1W B . -6.73 7.73 0.09
CBT L1W B . -7.31 8.54 1.06
CBU L1W B . -8.61 8.31 1.46
CBV L1W B . -9.34 7.26 0.89
NAC L1W B . -9.77 1.81 -0.57
NAF L1W B . -7.91 3.73 0.02
NAT L1W B . -1.52 2.26 2.41
NAZ L1W B . 1.57 4.44 4.49
NBB L1W B . 2.58 6.36 4.70
NBI L1W B . 4.93 2.18 7.10
OBM L1W B . 4.57 2.93 9.22
OBN L1W B . 0.68 6.32 3.51
OBO L1W B . -11.20 3.46 -1.15
OBW L1W B . -6.59 9.56 1.63
#